data_2XK8
#
_entry.id   2XK8
#
_cell.length_a   100.410
_cell.length_b   56.910
_cell.length_c   80.170
_cell.angle_alpha   90.00
_cell.angle_beta   133.30
_cell.angle_gamma   90.00
#
_symmetry.space_group_name_H-M   'C 1 2 1'
#
loop_
_entity.id
_entity.type
_entity.pdbx_description
1 polymer 'SERINE/THREONINE-PROTEIN KINASE NEK2'
2 non-polymer '4-[3-amino-6-(3,4,5-trimethoxyphenyl)pyrazin-2-yl]-2-methoxybenzoic acid'
3 non-polymer 'CHLORIDE ION'
4 water water
#
_entity_poly.entity_id   1
_entity_poly.type   'polypeptide(L)'
_entity_poly.pdbx_seq_one_letter_code
;MPSRAEDYEVLYTIGTGSYGRCQKIRRKSDGKILVWKELDYGSMTEAEKQMLVSEVNLLRELKHPNIVRYYDRIIDRTNT
TLYIVMEYCEGGDLASVITKGTKERQYLDEEFVLRVMTQLTLALKECHRRSDGGHTVLHRDLKPANVFLDGKQNVKLGDF
GLARILNHDTSFAKTFVGTPYYMSPEQMNRMSYNEKSDIWSLGCLLYELCALMPPFTAFSQKELAGKIREGKFRRIPYRY
SDELNEIITRMLNLKDYHRPSVEEILENPLILEHHHHHH
;
_entity_poly.pdbx_strand_id   A
#
# COMPACT_ATOMS: atom_id res chain seq x y z
N SER A 3 11.26 -25.67 5.38
CA SER A 3 9.94 -25.05 5.44
C SER A 3 9.26 -25.33 6.77
N ARG A 4 10.01 -25.18 7.86
CA ARG A 4 9.47 -25.36 9.20
C ARG A 4 9.79 -24.15 10.07
N ALA A 5 8.93 -23.86 11.03
CA ALA A 5 9.13 -22.71 11.91
C ALA A 5 10.49 -22.74 12.59
N GLU A 6 10.96 -23.94 12.93
CA GLU A 6 12.23 -24.10 13.62
C GLU A 6 13.42 -23.58 12.82
N ASP A 7 13.25 -23.49 11.51
CA ASP A 7 14.26 -22.94 10.60
C ASP A 7 14.50 -21.45 10.83
N TYR A 8 13.63 -20.82 11.62
CA TYR A 8 13.68 -19.37 11.80
C TYR A 8 13.73 -19.02 13.29
N GLU A 9 14.38 -17.91 13.61
CA GLU A 9 14.33 -17.39 14.97
C GLU A 9 13.58 -16.06 15.03
N VAL A 10 12.55 -15.99 15.87
CA VAL A 10 11.84 -14.74 16.05
C VAL A 10 12.75 -13.77 16.76
N LEU A 11 12.93 -12.57 16.22
CA LEU A 11 13.72 -11.56 16.91
C LEU A 11 12.79 -10.78 17.83
N TYR A 12 11.71 -10.24 17.27
CA TYR A 12 10.69 -9.55 18.06
C TYR A 12 9.47 -9.21 17.23
N THR A 13 8.40 -8.84 17.93
CA THR A 13 7.11 -8.54 17.32
C THR A 13 7.07 -7.11 16.81
N ILE A 14 6.64 -6.95 15.56
CA ILE A 14 6.48 -5.64 14.97
C ILE A 14 5.10 -5.07 15.27
N GLY A 15 4.05 -5.84 14.98
CA GLY A 15 2.69 -5.43 15.25
C GLY A 15 1.73 -6.58 15.51
N THR A 16 0.51 -6.25 15.89
CA THR A 16 -0.50 -7.26 16.20
C THR A 16 -1.84 -6.93 15.55
N ARG A 21 -0.55 -11.51 14.21
CA ARG A 21 0.75 -11.00 14.65
C ARG A 21 1.82 -11.02 13.57
N CYS A 22 2.57 -9.92 13.47
CA CYS A 22 3.64 -9.78 12.49
C CYS A 22 4.98 -9.67 13.23
N GLN A 23 5.96 -10.46 12.81
CA GLN A 23 7.20 -10.55 13.55
C GLN A 23 8.42 -10.49 12.65
N LYS A 24 9.45 -9.80 13.15
CA LYS A 24 10.73 -9.78 12.46
C LYS A 24 11.47 -11.06 12.81
N ILE A 25 11.97 -11.75 11.81
CA ILE A 25 12.58 -13.06 12.03
C ILE A 25 13.91 -13.15 11.30
N ARG A 26 14.70 -14.14 11.68
CA ARG A 26 15.98 -14.38 11.05
C ARG A 26 16.09 -15.83 10.61
N ARG A 27 16.30 -16.05 9.31
CA ARG A 27 16.48 -17.38 8.76
C ARG A 27 17.84 -17.93 9.23
N LYS A 28 17.83 -19.08 9.90
CA LYS A 28 19.03 -19.64 10.50
C LYS A 28 20.14 -20.02 9.51
N SER A 29 19.76 -20.54 8.35
CA SER A 29 20.73 -21.06 7.38
C SER A 29 21.72 -19.99 6.88
N ASP A 30 21.23 -18.78 6.64
CA ASP A 30 22.09 -17.74 6.07
C ASP A 30 22.01 -16.41 6.83
N GLY A 31 21.19 -16.37 7.88
CA GLY A 31 21.02 -15.16 8.67
C GLY A 31 20.10 -14.11 8.05
N LYS A 32 19.42 -14.45 6.95
CA LYS A 32 18.59 -13.47 6.26
C LYS A 32 17.44 -12.96 7.11
N ILE A 33 17.30 -11.64 7.17
CA ILE A 33 16.21 -11.00 7.89
C ILE A 33 14.93 -10.92 7.05
N LEU A 34 13.83 -11.38 7.65
CA LEU A 34 12.54 -11.48 6.96
C LEU A 34 11.49 -11.09 7.98
N VAL A 35 10.22 -11.17 7.60
CA VAL A 35 9.17 -11.11 8.59
C VAL A 35 8.19 -12.22 8.31
N TRP A 36 7.42 -12.60 9.31
CA TRP A 36 6.29 -13.46 9.03
C TRP A 36 5.04 -12.91 9.68
N LYS A 37 3.91 -13.28 9.10
CA LYS A 37 2.61 -12.91 9.64
C LYS A 37 1.96 -14.20 10.13
N GLU A 38 1.46 -14.16 11.37
CA GLU A 38 0.86 -15.32 12.03
C GLU A 38 -0.65 -15.39 11.79
N LEU A 39 -1.13 -16.50 11.28
CA LEU A 39 -2.57 -16.70 11.12
C LEU A 39 -3.02 -17.95 11.86
N ASP A 40 -3.81 -17.75 12.92
CA ASP A 40 -4.38 -18.87 13.66
C ASP A 40 -5.62 -19.37 12.93
N TYR A 41 -5.49 -20.51 12.26
CA TYR A 41 -6.59 -21.10 11.49
C TYR A 41 -7.37 -22.11 12.33
N GLY A 42 -7.04 -22.19 13.62
CA GLY A 42 -7.64 -23.16 14.51
C GLY A 42 -9.15 -23.06 14.64
N SER A 43 -9.70 -21.90 14.32
CA SER A 43 -11.14 -21.70 14.46
C SER A 43 -11.87 -21.65 13.12
N MET A 44 -11.17 -22.03 12.05
CA MET A 44 -11.73 -22.01 10.70
C MET A 44 -12.36 -23.34 10.28
N THR A 45 -13.33 -23.26 9.37
CA THR A 45 -13.91 -24.44 8.75
C THR A 45 -13.00 -24.92 7.63
N GLU A 46 -13.27 -26.12 7.13
CA GLU A 46 -12.54 -26.66 5.99
C GLU A 46 -12.68 -25.74 4.78
N ALA A 47 -13.87 -25.19 4.58
CA ALA A 47 -14.13 -24.28 3.46
C ALA A 47 -13.28 -23.03 3.54
N GLU A 48 -13.18 -22.48 4.75
CA GLU A 48 -12.39 -21.27 4.96
C GLU A 48 -10.89 -21.52 4.82
N LYS A 49 -10.43 -22.70 5.26
CA LYS A 49 -9.02 -23.07 5.12
C LYS A 49 -8.65 -23.28 3.65
N GLN A 50 -9.57 -23.86 2.88
CA GLN A 50 -9.37 -24.01 1.44
C GLN A 50 -9.20 -22.64 0.78
N MET A 51 -10.10 -21.71 1.11
CA MET A 51 -10.00 -20.34 0.63
C MET A 51 -8.66 -19.72 1.04
N LEU A 52 -8.20 -20.06 2.23
CA LEU A 52 -6.92 -19.55 2.72
C LEU A 52 -5.76 -20.07 1.87
N VAL A 53 -5.80 -21.36 1.55
CA VAL A 53 -4.74 -22.00 0.77
C VAL A 53 -4.61 -21.40 -0.62
N SER A 54 -5.75 -21.22 -1.29
CA SER A 54 -5.74 -20.65 -2.63
C SER A 54 -5.25 -19.21 -2.63
N GLU A 55 -5.65 -18.44 -1.64
CA GLU A 55 -5.19 -17.06 -1.50
C GLU A 55 -3.67 -16.98 -1.29
N VAL A 56 -3.15 -17.92 -0.52
CA VAL A 56 -1.72 -17.94 -0.21
C VAL A 56 -0.89 -18.35 -1.42
N ASN A 57 -1.43 -19.29 -2.21
CA ASN A 57 -0.77 -19.71 -3.43
C ASN A 57 -0.75 -18.62 -4.51
N LEU A 58 -1.71 -17.70 -4.43
CA LEU A 58 -1.77 -16.58 -5.36
C LEU A 58 -0.82 -15.46 -4.95
N LEU A 59 -0.59 -15.31 -3.66
CA LEU A 59 0.43 -14.39 -3.15
C LEU A 59 1.80 -14.82 -3.65
N ARG A 60 2.05 -16.13 -3.63
CA ARG A 60 3.34 -16.68 -3.99
C ARG A 60 3.72 -16.39 -5.44
N GLU A 61 2.72 -16.14 -6.28
CA GLU A 61 2.94 -15.90 -7.70
C GLU A 61 3.39 -14.47 -8.00
N LEU A 62 3.01 -13.52 -7.15
CA LEU A 62 3.32 -12.11 -7.37
C LEU A 62 4.80 -11.79 -7.16
N LYS A 63 5.50 -11.59 -8.26
CA LYS A 63 6.92 -11.28 -8.21
C LYS A 63 7.18 -9.96 -8.93
N HIS A 64 7.40 -8.90 -8.15
CA HIS A 64 7.56 -7.56 -8.72
C HIS A 64 8.31 -6.71 -7.70
N PRO A 65 9.22 -5.83 -8.17
CA PRO A 65 10.06 -5.05 -7.25
C PRO A 65 9.25 -4.11 -6.37
N ASN A 66 8.05 -3.72 -6.81
CA ASN A 66 7.23 -2.80 -6.02
C ASN A 66 6.03 -3.47 -5.34
N ILE A 67 6.08 -4.79 -5.23
CA ILE A 67 5.11 -5.57 -4.46
C ILE A 67 5.87 -6.39 -3.40
N VAL A 68 5.38 -6.36 -2.16
CA VAL A 68 6.07 -7.07 -1.08
C VAL A 68 6.21 -8.52 -1.49
N ARG A 69 7.44 -9.04 -1.42
CA ARG A 69 7.74 -10.39 -1.86
C ARG A 69 7.35 -11.44 -0.82
N TYR A 70 6.57 -12.42 -1.22
CA TYR A 70 6.22 -13.51 -0.32
C TYR A 70 7.07 -14.74 -0.62
N TYR A 71 7.79 -15.21 0.40
CA TYR A 71 8.83 -16.23 0.22
C TYR A 71 8.36 -17.65 0.47
N ASP A 72 7.50 -17.83 1.46
CA ASP A 72 7.25 -19.16 2.00
C ASP A 72 5.99 -19.16 2.86
N ARG A 73 5.43 -20.33 3.06
CA ARG A 73 4.30 -20.52 3.96
C ARG A 73 4.65 -21.70 4.86
N ILE A 74 4.43 -21.54 6.15
CA ILE A 74 4.81 -22.56 7.13
C ILE A 74 3.60 -22.99 7.94
N ILE A 75 3.36 -24.29 8.00
CA ILE A 75 2.26 -24.82 8.80
C ILE A 75 2.78 -25.47 10.07
N ASP A 76 2.34 -24.95 11.22
CA ASP A 76 2.64 -25.58 12.51
C ASP A 76 1.34 -26.15 13.09
N ARG A 77 1.05 -27.40 12.77
CA ARG A 77 -0.21 -28.04 13.15
C ARG A 77 -0.42 -28.11 14.66
N THR A 78 0.68 -27.99 15.41
CA THR A 78 0.62 -28.03 16.87
C THR A 78 -0.15 -26.84 17.46
N ASN A 79 0.14 -25.64 16.95
CA ASN A 79 -0.53 -24.43 17.42
C ASN A 79 -1.61 -23.99 16.44
N THR A 80 -1.89 -24.84 15.44
CA THR A 80 -2.80 -24.49 14.35
C THR A 80 -2.50 -23.09 13.83
N THR A 81 -1.24 -22.84 13.53
CA THR A 81 -0.82 -21.53 13.06
C THR A 81 -0.15 -21.63 11.69
N LEU A 82 -0.55 -20.74 10.79
CA LEU A 82 0.07 -20.62 9.47
C LEU A 82 0.95 -19.37 9.48
N TYR A 83 2.18 -19.48 8.99
CA TYR A 83 3.09 -18.35 8.93
C TYR A 83 3.39 -18.01 7.49
N ILE A 84 3.09 -16.78 7.11
CA ILE A 84 3.46 -16.31 5.78
C ILE A 84 4.74 -15.53 5.91
N VAL A 85 5.80 -16.03 5.27
CA VAL A 85 7.11 -15.43 5.36
C VAL A 85 7.30 -14.47 4.20
N MET A 86 7.71 -13.25 4.51
CA MET A 86 7.86 -12.25 3.47
C MET A 86 9.09 -11.40 3.67
N GLU A 87 9.37 -10.59 2.66
CA GLU A 87 10.40 -9.60 2.67
C GLU A 87 10.26 -8.68 3.88
N TYR A 88 11.37 -8.26 4.47
CA TYR A 88 11.36 -7.21 5.51
C TYR A 88 11.59 -5.82 4.90
N CYS A 89 10.70 -4.89 5.24
CA CYS A 89 10.78 -3.52 4.75
C CYS A 89 11.17 -2.59 5.90
N GLU A 90 12.46 -2.31 5.99
CA GLU A 90 13.00 -1.63 7.17
C GLU A 90 12.47 -0.22 7.38
N GLY A 91 11.92 0.40 6.34
CA GLY A 91 11.43 1.77 6.45
C GLY A 91 10.02 1.85 7.01
N GLY A 92 9.39 0.70 7.23
CA GLY A 92 8.05 0.65 7.80
C GLY A 92 6.98 1.05 6.80
N ASP A 93 5.82 1.50 7.27
CA ASP A 93 4.70 1.81 6.37
C ASP A 93 4.51 3.31 6.17
N LEU A 94 3.74 3.68 5.15
CA LEU A 94 3.54 5.09 4.81
C LEU A 94 2.68 5.81 5.83
N ALA A 95 1.83 5.06 6.52
CA ALA A 95 1.00 5.66 7.56
C ALA A 95 1.90 6.31 8.60
N SER A 96 2.93 5.60 9.03
CA SER A 96 3.83 6.11 10.06
C SER A 96 4.60 7.32 9.56
N VAL A 97 4.98 7.28 8.28
CA VAL A 97 5.67 8.42 7.68
C VAL A 97 4.80 9.69 7.73
N ILE A 98 3.52 9.55 7.39
CA ILE A 98 2.59 10.69 7.40
C ILE A 98 2.35 11.18 8.82
N THR A 99 2.25 10.25 9.76
CA THR A 99 2.09 10.62 11.17
C THR A 99 3.32 11.38 11.65
N LYS A 100 4.50 10.89 11.28
CA LYS A 100 5.76 11.55 11.62
C LYS A 100 5.82 12.98 11.07
N GLY A 101 5.35 13.15 9.83
CA GLY A 101 5.35 14.45 9.20
C GLY A 101 4.49 15.46 9.95
N THR A 102 3.29 15.03 10.33
CA THR A 102 2.41 15.86 11.14
C THR A 102 3.06 16.25 12.48
N LYS A 103 3.57 15.26 13.20
CA LYS A 103 4.16 15.48 14.52
C LYS A 103 5.28 16.51 14.49
N GLU A 104 6.20 16.36 13.55
CA GLU A 104 7.36 17.23 13.46
C GLU A 104 7.08 18.46 12.60
N ARG A 105 5.82 18.63 12.21
CA ARG A 105 5.39 19.77 11.42
C ARG A 105 6.25 19.96 10.18
N GLN A 106 6.52 18.87 9.48
CA GLN A 106 7.42 18.91 8.33
C GLN A 106 6.82 18.16 7.13
N TYR A 107 6.56 18.89 6.05
CA TYR A 107 6.07 18.27 4.82
C TYR A 107 7.14 17.36 4.20
N LEU A 108 6.71 16.32 3.49
CA LEU A 108 7.63 15.40 2.80
C LEU A 108 8.17 16.03 1.52
N ASP A 109 9.39 15.68 1.14
CA ASP A 109 9.99 16.18 -0.11
C ASP A 109 9.17 15.81 -1.33
N GLU A 110 9.07 16.73 -2.29
CA GLU A 110 8.45 16.37 -3.57
C GLU A 110 9.10 15.13 -4.20
N GLU A 111 10.43 15.02 -4.10
CA GLU A 111 11.13 13.84 -4.65
C GLU A 111 10.61 12.53 -4.08
N PHE A 112 10.29 12.52 -2.80
CA PHE A 112 9.75 11.32 -2.17
C PHE A 112 8.35 11.02 -2.70
N VAL A 113 7.52 12.05 -2.80
CA VAL A 113 6.18 11.86 -3.35
C VAL A 113 6.22 11.31 -4.78
N LEU A 114 7.18 11.78 -5.58
CA LEU A 114 7.33 11.29 -6.96
C LEU A 114 7.77 9.83 -6.98
N ARG A 115 8.61 9.44 -6.02
CA ARG A 115 9.00 8.03 -5.92
C ARG A 115 7.81 7.14 -5.60
N VAL A 116 6.98 7.57 -4.66
CA VAL A 116 5.79 6.80 -4.32
C VAL A 116 4.83 6.75 -5.52
N MET A 117 4.57 7.89 -6.14
CA MET A 117 3.68 7.89 -7.31
C MET A 117 4.18 6.91 -8.38
N THR A 118 5.46 7.02 -8.71
CA THR A 118 6.04 6.19 -9.77
C THR A 118 5.94 4.69 -9.42
N GLN A 119 6.41 4.33 -8.23
CA GLN A 119 6.52 2.93 -7.86
C GLN A 119 5.18 2.27 -7.57
N LEU A 120 4.27 3.00 -6.94
CA LEU A 120 2.92 2.47 -6.72
C LEU A 120 2.14 2.33 -8.02
N THR A 121 2.35 3.26 -8.96
CA THR A 121 1.69 3.16 -10.26
C THR A 121 2.14 1.88 -10.99
N LEU A 122 3.43 1.59 -10.90
CA LEU A 122 3.95 0.34 -11.44
C LEU A 122 3.40 -0.89 -10.73
N ALA A 123 3.31 -0.82 -9.40
CA ALA A 123 2.66 -1.91 -8.66
C ALA A 123 1.23 -2.12 -9.18
N LEU A 124 0.47 -1.04 -9.33
CA LEU A 124 -0.91 -1.17 -9.84
C LEU A 124 -0.95 -1.74 -11.25
N LYS A 125 -0.03 -1.28 -12.10
CA LYS A 125 0.02 -1.79 -13.47
C LYS A 125 0.18 -3.30 -13.46
N GLU A 126 1.01 -3.79 -12.54
CA GLU A 126 1.23 -5.23 -12.44
C GLU A 126 0.00 -5.97 -11.91
N CYS A 127 -0.67 -5.41 -10.91
CA CYS A 127 -1.92 -5.98 -10.40
C CYS A 127 -2.98 -6.07 -11.49
N HIS A 128 -3.10 -5.01 -12.28
CA HIS A 128 -4.10 -4.99 -13.35
C HIS A 128 -3.79 -6.02 -14.42
N ARG A 129 -2.50 -6.18 -14.74
CA ARG A 129 -2.07 -7.16 -15.71
C ARG A 129 -2.43 -8.57 -15.26
N ARG A 130 -2.26 -8.83 -13.98
CA ARG A 130 -2.58 -10.14 -13.40
C ARG A 130 -4.09 -10.38 -13.41
N SER A 131 -4.84 -9.36 -13.82
CA SER A 131 -6.30 -9.47 -13.94
C SER A 131 -6.74 -9.45 -15.39
N ARG A 140 -6.01 -5.72 -3.37
CA ARG A 140 -5.07 -4.95 -2.56
C ARG A 140 -5.51 -3.50 -2.41
N ASP A 141 -5.92 -3.14 -1.19
CA ASP A 141 -6.38 -1.78 -0.92
C ASP A 141 -5.23 -0.79 -0.84
N LEU A 142 -5.39 0.31 -1.55
CA LEU A 142 -4.37 1.35 -1.59
C LEU A 142 -4.61 2.33 -0.46
N LYS A 143 -3.94 2.10 0.66
CA LYS A 143 -4.01 2.99 1.81
C LYS A 143 -2.62 3.05 2.42
N PRO A 144 -2.32 4.11 3.17
CA PRO A 144 -0.94 4.29 3.63
C PRO A 144 -0.43 3.10 4.47
N ALA A 145 -1.30 2.47 5.25
CA ALA A 145 -0.86 1.37 6.10
C ALA A 145 -0.48 0.14 5.29
N ASN A 146 -0.79 0.12 4.01
CA ASN A 146 -0.52 -1.04 3.18
C ASN A 146 0.60 -0.76 2.18
N VAL A 147 1.33 0.33 2.40
CA VAL A 147 2.46 0.65 1.53
C VAL A 147 3.73 0.75 2.37
N PHE A 148 4.76 0.04 1.94
CA PHE A 148 5.96 -0.13 2.73
C PHE A 148 7.21 0.38 2.01
N LEU A 149 8.20 0.77 2.82
CA LEU A 149 9.47 1.29 2.34
C LEU A 149 10.59 0.35 2.75
N ASP A 150 11.46 0.01 1.82
CA ASP A 150 12.62 -0.81 2.16
C ASP A 150 13.78 0.10 2.52
N GLY A 151 15.00 -0.44 2.59
CA GLY A 151 16.14 0.36 3.02
C GLY A 151 16.83 1.15 1.91
N LYS A 152 16.28 1.12 0.70
CA LYS A 152 16.96 1.65 -0.47
C LYS A 152 16.08 2.62 -1.25
N GLN A 153 15.15 3.27 -0.54
CA GLN A 153 14.23 4.22 -1.14
C GLN A 153 13.19 3.56 -2.05
N ASN A 154 12.96 2.27 -1.88
CA ASN A 154 11.99 1.59 -2.74
C ASN A 154 10.65 1.48 -2.05
N VAL A 155 9.60 1.48 -2.85
CA VAL A 155 8.24 1.56 -2.32
C VAL A 155 7.53 0.29 -2.73
N LYS A 156 6.93 -0.40 -1.76
CA LYS A 156 6.29 -1.68 -2.04
C LYS A 156 4.86 -1.77 -1.53
N LEU A 157 3.97 -2.22 -2.41
CA LEU A 157 2.57 -2.45 -2.08
C LEU A 157 2.39 -3.81 -1.41
N GLY A 158 1.76 -3.80 -0.24
CA GLY A 158 1.59 -5.00 0.54
C GLY A 158 0.17 -5.54 0.47
N ASP A 159 -0.26 -6.19 1.54
CA ASP A 159 -1.60 -6.78 1.56
C ASP A 159 -2.03 -7.18 2.98
N PHE A 160 -2.53 -6.21 3.73
CA PHE A 160 -3.04 -6.47 5.07
C PHE A 160 -4.30 -7.32 5.03
N PHE A 176 -15.12 -1.62 9.34
CA PHE A 176 -16.43 -1.04 9.61
C PHE A 176 -16.32 0.27 10.38
N VAL A 177 -15.53 0.27 11.45
CA VAL A 177 -15.40 1.44 12.31
C VAL A 177 -14.75 2.61 11.57
N GLY A 178 -13.78 2.32 10.73
CA GLY A 178 -13.03 3.35 10.04
C GLY A 178 -13.80 4.10 8.96
N THR A 179 -13.41 5.35 8.73
CA THR A 179 -14.00 6.16 7.67
C THR A 179 -13.31 5.81 6.35
N PRO A 180 -14.09 5.53 5.29
CA PRO A 180 -13.53 5.10 4.01
C PRO A 180 -13.02 6.30 3.21
N TYR A 181 -11.95 6.93 3.68
CA TYR A 181 -11.43 8.15 3.08
C TYR A 181 -11.16 8.07 1.58
N TYR A 182 -10.76 6.89 1.10
CA TYR A 182 -10.31 6.76 -0.30
C TYR A 182 -11.35 6.17 -1.26
N MET A 183 -12.59 5.97 -0.81
CA MET A 183 -13.63 5.39 -1.67
C MET A 183 -13.95 6.30 -2.85
N SER A 184 -13.87 5.77 -4.06
CA SER A 184 -14.15 6.55 -5.27
C SER A 184 -15.64 6.82 -5.41
N PRO A 185 -15.99 7.91 -6.11
CA PRO A 185 -17.40 8.23 -6.37
C PRO A 185 -18.18 7.04 -6.93
N GLU A 186 -17.64 6.39 -7.95
CA GLU A 186 -18.35 5.27 -8.57
C GLU A 186 -18.46 4.07 -7.64
N GLN A 187 -17.41 3.80 -6.89
CA GLN A 187 -17.42 2.67 -5.96
C GLN A 187 -18.42 2.92 -4.84
N MET A 188 -18.83 4.17 -4.66
CA MET A 188 -19.83 4.47 -3.64
C MET A 188 -21.23 4.51 -4.25
N ASN A 189 -21.35 4.04 -5.48
CA ASN A 189 -22.64 3.98 -6.18
C ASN A 189 -22.93 2.59 -6.76
N ASN A 194 -13.29 -1.75 -11.79
CA ASN A 194 -12.88 -0.53 -12.48
C ASN A 194 -11.46 -0.11 -12.11
N GLU A 195 -10.54 -0.21 -13.07
CA GLU A 195 -9.14 0.11 -12.80
C GLU A 195 -8.93 1.62 -12.53
N LYS A 196 -9.85 2.43 -13.03
CA LYS A 196 -9.79 3.88 -12.80
C LYS A 196 -10.16 4.23 -11.34
N SER A 197 -10.86 3.33 -10.67
CA SER A 197 -11.15 3.48 -9.25
C SER A 197 -9.87 3.38 -8.44
N ASP A 198 -8.94 2.57 -8.92
CA ASP A 198 -7.65 2.44 -8.26
C ASP A 198 -6.86 3.74 -8.41
N ILE A 199 -7.00 4.41 -9.55
CA ILE A 199 -6.33 5.69 -9.78
C ILE A 199 -6.85 6.76 -8.81
N TRP A 200 -8.15 6.75 -8.56
CA TRP A 200 -8.73 7.67 -7.57
C TRP A 200 -8.06 7.43 -6.21
N SER A 201 -8.01 6.16 -5.79
CA SER A 201 -7.41 5.81 -4.51
C SER A 201 -5.93 6.22 -4.43
N LEU A 202 -5.19 6.00 -5.51
CA LEU A 202 -3.79 6.45 -5.57
C LEU A 202 -3.74 7.97 -5.42
N GLY A 203 -4.66 8.65 -6.10
CA GLY A 203 -4.76 10.10 -5.98
C GLY A 203 -4.93 10.53 -4.53
N CYS A 204 -5.81 9.86 -3.79
CA CYS A 204 -6.06 10.20 -2.40
C CYS A 204 -4.81 9.99 -1.56
N LEU A 205 -4.10 8.90 -1.85
CA LEU A 205 -2.91 8.55 -1.08
C LEU A 205 -1.82 9.58 -1.32
N LEU A 206 -1.61 9.93 -2.58
CA LEU A 206 -0.59 10.94 -2.92
C LEU A 206 -0.98 12.29 -2.36
N TYR A 207 -2.26 12.63 -2.42
CA TYR A 207 -2.71 13.90 -1.85
C TYR A 207 -2.38 13.90 -0.35
N GLU A 208 -2.66 12.80 0.32
CA GLU A 208 -2.43 12.77 1.77
C GLU A 208 -0.94 12.85 2.10
N LEU A 209 -0.09 12.24 1.28
CA LEU A 209 1.34 12.38 1.49
C LEU A 209 1.76 13.83 1.45
N CYS A 210 1.19 14.61 0.53
CA CYS A 210 1.54 16.04 0.39
C CYS A 210 0.94 16.92 1.48
N ALA A 211 -0.35 16.75 1.73
CA ALA A 211 -1.08 17.68 2.59
C ALA A 211 -1.03 17.22 4.05
N LEU A 212 -0.70 15.94 4.24
CA LEU A 212 -0.69 15.30 5.55
C LEU A 212 -2.12 15.13 6.07
N MET A 213 -3.06 15.26 5.15
CA MET A 213 -4.45 14.93 5.44
C MET A 213 -5.05 14.53 4.10
N PRO A 214 -6.09 13.68 4.13
CA PRO A 214 -6.81 13.20 2.95
C PRO A 214 -7.61 14.34 2.33
N PRO A 215 -7.97 14.20 1.04
CA PRO A 215 -8.59 15.35 0.35
C PRO A 215 -10.00 15.61 0.84
N PHE A 216 -10.67 14.59 1.34
CA PHE A 216 -12.03 14.71 1.83
C PHE A 216 -12.07 14.18 3.25
N THR A 217 -12.47 15.02 4.19
CA THR A 217 -12.59 14.57 5.57
C THR A 217 -13.99 14.89 6.06
N ALA A 218 -14.45 14.13 7.05
CA ALA A 218 -15.75 14.38 7.63
C ALA A 218 -15.87 13.55 8.90
N PHE A 219 -16.92 13.81 9.68
CA PHE A 219 -17.14 13.09 10.93
C PHE A 219 -18.09 11.89 10.76
N SER A 220 -18.85 11.87 9.68
CA SER A 220 -19.72 10.74 9.37
C SER A 220 -19.55 10.32 7.92
N GLN A 221 -19.92 9.08 7.61
CA GLN A 221 -19.79 8.57 6.27
C GLN A 221 -20.71 9.31 5.30
N LYS A 222 -21.90 9.69 5.77
CA LYS A 222 -22.83 10.41 4.92
C LYS A 222 -22.28 11.79 4.57
N GLU A 223 -21.61 12.42 5.52
CA GLU A 223 -20.96 13.72 5.29
C GLU A 223 -19.78 13.55 4.33
N LEU A 224 -18.96 12.54 4.59
CA LEU A 224 -17.85 12.19 3.70
C LEU A 224 -18.33 12.01 2.27
N ALA A 225 -19.39 11.22 2.11
CA ALA A 225 -19.95 10.92 0.80
C ALA A 225 -20.40 12.21 0.10
N GLY A 226 -21.04 13.09 0.85
CA GLY A 226 -21.42 14.39 0.31
C GLY A 226 -20.22 15.14 -0.26
N LYS A 227 -19.11 15.16 0.47
CA LYS A 227 -17.92 15.86 0.04
C LYS A 227 -17.31 15.23 -1.22
N ILE A 228 -17.24 13.91 -1.22
CA ILE A 228 -16.68 13.17 -2.34
C ILE A 228 -17.44 13.43 -3.63
N ARG A 229 -18.76 13.50 -3.56
CA ARG A 229 -19.57 13.71 -4.76
C ARG A 229 -19.41 15.12 -5.34
N GLU A 230 -19.12 16.09 -4.48
CA GLU A 230 -18.84 17.44 -4.93
C GLU A 230 -17.46 17.56 -5.58
N GLY A 231 -16.54 16.69 -5.18
CA GLY A 231 -15.21 16.61 -5.78
C GLY A 231 -14.31 17.81 -5.57
N LYS A 232 -14.61 18.63 -4.57
CA LYS A 232 -13.79 19.80 -4.26
C LYS A 232 -12.84 19.52 -3.12
N PHE A 233 -11.63 20.09 -3.19
CA PHE A 233 -10.63 19.89 -2.16
C PHE A 233 -9.62 21.02 -2.23
N ARG A 234 -8.83 21.18 -1.16
CA ARG A 234 -7.81 22.21 -1.14
C ARG A 234 -6.66 21.83 -2.07
N ARG A 235 -5.98 22.82 -2.66
CA ARG A 235 -4.77 22.51 -3.43
C ARG A 235 -3.78 21.91 -2.45
N ILE A 236 -2.95 20.97 -2.87
CA ILE A 236 -1.84 20.54 -2.02
C ILE A 236 -0.98 21.77 -1.71
N PRO A 237 -0.17 21.69 -0.63
CA PRO A 237 0.63 22.85 -0.21
C PRO A 237 1.50 23.47 -1.34
N TYR A 238 1.74 24.78 -1.26
CA TYR A 238 2.43 25.53 -2.32
C TYR A 238 3.89 25.16 -2.52
N ARG A 239 4.49 24.49 -1.55
CA ARG A 239 5.85 24.01 -1.73
C ARG A 239 5.92 22.97 -2.87
N TYR A 240 4.79 22.34 -3.19
CA TYR A 240 4.73 21.36 -4.27
C TYR A 240 4.42 22.02 -5.61
N SER A 241 5.04 21.51 -6.68
CA SER A 241 4.97 22.12 -8.00
C SER A 241 3.56 22.06 -8.58
N ASP A 242 3.25 23.00 -9.47
CA ASP A 242 1.98 22.99 -10.20
C ASP A 242 1.84 21.68 -10.98
N GLU A 243 2.94 21.17 -11.50
CA GLU A 243 2.90 19.91 -12.23
C GLU A 243 2.43 18.74 -11.33
N LEU A 244 2.97 18.66 -10.11
CA LEU A 244 2.55 17.58 -9.20
C LEU A 244 1.11 17.80 -8.78
N ASN A 245 0.74 19.04 -8.47
CA ASN A 245 -0.65 19.29 -8.11
C ASN A 245 -1.58 18.91 -9.25
N GLU A 246 -1.16 19.18 -10.48
CA GLU A 246 -1.99 18.89 -11.66
C GLU A 246 -2.32 17.40 -11.80
N ILE A 247 -1.30 16.55 -11.66
CA ILE A 247 -1.53 15.13 -11.86
C ILE A 247 -2.37 14.50 -10.72
N ILE A 248 -2.06 14.87 -9.48
CA ILE A 248 -2.89 14.39 -8.38
C ILE A 248 -4.34 14.86 -8.54
N THR A 249 -4.54 16.10 -8.96
CA THR A 249 -5.89 16.62 -9.18
C THR A 249 -6.62 15.85 -10.29
N ARG A 250 -5.90 15.50 -11.37
CA ARG A 250 -6.48 14.68 -12.45
C ARG A 250 -6.91 13.29 -11.95
N MET A 251 -6.10 12.69 -11.08
CA MET A 251 -6.48 11.40 -10.51
C MET A 251 -7.75 11.50 -9.68
N LEU A 252 -7.99 12.68 -9.12
CA LEU A 252 -9.19 12.92 -8.30
C LEU A 252 -10.37 13.49 -9.10
N ASN A 253 -10.33 13.36 -10.42
CA ASN A 253 -11.48 13.78 -11.22
C ASN A 253 -12.71 12.94 -10.86
N LEU A 254 -13.88 13.57 -10.79
CA LEU A 254 -15.13 12.87 -10.53
C LEU A 254 -15.45 11.80 -11.59
N LYS A 255 -15.13 12.07 -12.84
CA LYS A 255 -15.34 11.10 -13.93
C LYS A 255 -14.16 10.16 -14.08
N ASP A 256 -14.42 8.86 -13.94
CA ASP A 256 -13.32 7.90 -14.04
C ASP A 256 -12.60 8.01 -15.37
N TYR A 257 -13.33 8.32 -16.43
CA TYR A 257 -12.71 8.41 -17.76
C TYR A 257 -11.86 9.66 -17.99
N HIS A 258 -11.92 10.64 -17.09
CA HIS A 258 -11.01 11.77 -17.14
C HIS A 258 -9.72 11.53 -16.33
N ARG A 259 -9.72 10.50 -15.48
CA ARG A 259 -8.52 10.17 -14.69
C ARG A 259 -7.48 9.54 -15.59
N PRO A 260 -6.20 9.86 -15.35
CA PRO A 260 -5.16 9.31 -16.24
C PRO A 260 -5.00 7.80 -16.06
N SER A 261 -4.63 7.11 -17.13
CA SER A 261 -4.33 5.70 -17.01
C SER A 261 -2.96 5.53 -16.36
N VAL A 262 -2.64 4.32 -15.94
CA VAL A 262 -1.29 3.97 -15.52
C VAL A 262 -0.27 4.44 -16.56
N GLU A 263 -0.52 4.12 -17.82
CA GLU A 263 0.36 4.53 -18.90
C GLU A 263 0.53 6.06 -18.98
N GLU A 264 -0.58 6.80 -18.86
CA GLU A 264 -0.56 8.25 -18.93
C GLU A 264 0.17 8.89 -17.73
N ILE A 265 0.01 8.29 -16.55
CA ILE A 265 0.75 8.77 -15.38
C ILE A 265 2.26 8.64 -15.64
N LEU A 266 2.67 7.47 -16.10
CA LEU A 266 4.10 7.20 -16.24
C LEU A 266 4.77 8.04 -17.35
N GLU A 267 3.97 8.50 -18.31
CA GLU A 267 4.45 9.40 -19.36
C GLU A 267 4.69 10.82 -18.84
N ASN A 268 4.22 11.13 -17.65
CA ASN A 268 4.38 12.50 -17.12
C ASN A 268 5.85 12.94 -17.02
N PRO A 269 6.17 14.14 -17.53
CA PRO A 269 7.55 14.63 -17.49
C PRO A 269 8.15 14.66 -16.07
N LEU A 270 7.32 14.72 -15.03
CA LEU A 270 7.85 14.65 -13.65
C LEU A 270 8.62 13.36 -13.35
N ILE A 271 8.21 12.28 -13.99
CA ILE A 271 8.68 10.95 -13.60
C ILE A 271 9.93 10.52 -14.38
N LEU A 272 11.00 10.27 -13.62
CA LEU A 272 12.33 10.03 -14.15
C LEU A 272 12.92 8.71 -13.66
N GLU A 273 14.04 8.27 -14.22
CA GLU A 273 14.58 6.98 -13.87
C GLU A 273 14.83 6.84 -12.38
N HIS A 274 15.39 7.88 -11.77
CA HIS A 274 15.79 7.79 -10.37
C HIS A 274 14.59 7.64 -9.42
N HIS A 275 13.36 7.91 -9.91
CA HIS A 275 12.15 7.73 -9.09
C HIS A 275 11.68 6.27 -9.06
N HIS A 276 12.28 5.44 -9.92
CA HIS A 276 11.93 4.03 -9.97
C HIS A 276 12.74 3.25 -8.94
N HIS A 277 12.45 1.96 -8.85
CA HIS A 277 13.15 1.10 -7.89
C HIS A 277 14.62 0.90 -8.28
N HIS A 278 15.46 0.69 -7.27
CA HIS A 278 16.87 0.29 -7.46
C HIS A 278 17.29 -0.70 -6.40
N HIS A 279 17.84 -1.84 -6.84
CA HIS A 279 18.34 -2.88 -5.95
C HIS A 279 19.55 -2.38 -5.19
#